data_8GBS
#
_entry.id   8GBS
#
_cell.length_a   1.00
_cell.length_b   1.00
_cell.length_c   1.00
_cell.angle_alpha   90.00
_cell.angle_beta   90.00
_cell.angle_gamma   90.00
#
_symmetry.space_group_name_H-M   'P 1'
#
loop_
_entity.id
_entity.type
_entity.pdbx_description
1 polymer 'Gas vesicle structural protein'
2 polymer 'Gas vesicle protein C'
#
loop_
_entity_poly.entity_id
_entity_poly.type
_entity_poly.pdbx_seq_one_letter_code
_entity_poly.pdbx_strand_id
1 'polypeptide(L)' MAVEKTNSSSSLAEVIDRILDKGIVIDAWVRVSLVGIELLAIEARIVIASVETYLKYAEAVGLTQSAAVPA A1,A2,A4,A3
2 'polypeptide(L)'
;(UNK)(UNK)(UNK)(UNK)(UNK)(UNK)(UNK)(UNK)(UNK)(UNK)(UNK)(UNK)(UNK)(UNK)(UNK)(UNK)
(UNK)(UNK)(UNK)(UNK)(UNK)(UNK)(UNK)(UNK)(UNK)(UNK)(UNK)(UNK)(UNK)(UNK)(UNK)(UNK)
(UNK)
;
C
#
# COMPACT_ATOMS: atom_id res chain seq x y z
N ALA A 2 -20.33 6.33 24.78
CA ALA A 2 -20.15 4.93 25.14
C ALA A 2 -21.22 4.48 26.13
N VAL A 3 -22.11 3.61 25.67
CA VAL A 3 -23.20 3.08 26.48
C VAL A 3 -23.09 1.57 26.51
N GLU A 4 -23.11 0.99 27.71
CA GLU A 4 -23.03 -0.45 27.85
C GLU A 4 -24.27 -1.11 27.28
N LYS A 5 -24.08 -2.28 26.67
CA LYS A 5 -25.16 -3.04 26.05
C LYS A 5 -25.29 -4.40 26.72
N THR A 6 -26.52 -4.88 26.84
CA THR A 6 -26.77 -6.19 27.42
C THR A 6 -26.37 -7.33 26.49
N ASN A 7 -26.13 -7.05 25.22
CA ASN A 7 -25.77 -8.06 24.24
C ASN A 7 -24.44 -7.70 23.60
N SER A 8 -23.69 -8.74 23.22
CA SER A 8 -22.37 -8.57 22.62
C SER A 8 -22.43 -8.32 21.11
N SER A 9 -23.62 -8.31 20.53
CA SER A 9 -23.75 -8.08 19.09
C SER A 9 -23.27 -6.67 18.73
N SER A 10 -22.54 -6.57 17.63
CA SER A 10 -22.02 -5.29 17.15
C SER A 10 -21.94 -5.33 15.64
N SER A 11 -21.21 -4.37 15.06
CA SER A 11 -21.06 -4.30 13.62
C SER A 11 -20.03 -5.33 13.14
N LEU A 12 -19.75 -5.31 11.84
CA LEU A 12 -18.82 -6.24 11.24
C LEU A 12 -17.36 -5.84 11.43
N ALA A 13 -17.09 -4.61 11.85
CA ALA A 13 -15.70 -4.17 12.03
C ALA A 13 -14.99 -5.00 13.09
N GLU A 14 -15.65 -5.23 14.23
CA GLU A 14 -15.03 -6.03 15.28
C GLU A 14 -14.87 -7.48 14.86
N VAL A 15 -15.84 -8.01 14.10
CA VAL A 15 -15.71 -9.37 13.59
C VAL A 15 -14.49 -9.49 12.67
N ILE A 16 -14.32 -8.52 11.77
CA ILE A 16 -13.17 -8.53 10.87
C ILE A 16 -11.88 -8.42 11.66
N ASP A 17 -11.85 -7.55 12.68
CA ASP A 17 -10.63 -7.38 13.47
C ASP A 17 -10.27 -8.66 14.21
N ARG A 18 -11.25 -9.30 14.86
CA ARG A 18 -10.96 -10.53 15.60
C ARG A 18 -10.66 -11.69 14.67
N ILE A 19 -11.15 -11.66 13.43
CA ILE A 19 -10.77 -12.67 12.46
C ILE A 19 -9.32 -12.46 12.02
N LEU A 20 -8.94 -11.21 11.76
CA LEU A 20 -7.62 -10.95 11.18
C LEU A 20 -6.51 -11.08 12.21
N ASP A 21 -6.76 -10.65 13.46
CA ASP A 21 -5.67 -10.63 14.45
C ASP A 21 -5.18 -12.03 14.78
N LYS A 22 -6.09 -13.00 14.90
CA LYS A 22 -5.70 -14.34 15.27
C LYS A 22 -5.07 -15.12 14.12
N GLY A 23 -5.29 -14.68 12.88
CA GLY A 23 -4.63 -15.28 11.75
C GLY A 23 -5.26 -16.57 11.25
N ILE A 24 -5.31 -16.74 9.93
CA ILE A 24 -5.88 -17.92 9.30
C ILE A 24 -4.89 -18.44 8.27
N VAL A 25 -4.65 -19.75 8.28
CA VAL A 25 -3.80 -20.38 7.28
C VAL A 25 -4.25 -21.82 7.11
N ILE A 26 -4.40 -22.25 5.86
CA ILE A 26 -4.82 -23.61 5.53
C ILE A 26 -3.81 -24.19 4.54
N ASP A 27 -3.28 -25.36 4.86
CA ASP A 27 -2.29 -26.05 4.04
C ASP A 27 -2.89 -27.32 3.47
N ALA A 28 -2.77 -27.50 2.16
CA ALA A 28 -3.26 -28.69 1.48
C ALA A 28 -2.18 -29.23 0.57
N TRP A 29 -1.90 -30.53 0.69
CA TRP A 29 -0.86 -31.14 -0.13
C TRP A 29 -1.16 -32.62 -0.28
N VAL A 30 -0.76 -33.17 -1.43
CA VAL A 30 -0.94 -34.59 -1.75
C VAL A 30 0.33 -35.10 -2.39
N ARG A 31 0.79 -36.28 -1.95
CA ARG A 31 1.98 -36.91 -2.48
C ARG A 31 1.63 -38.32 -2.94
N VAL A 32 2.04 -38.66 -4.16
CA VAL A 32 1.82 -39.99 -4.73
C VAL A 32 3.18 -40.58 -5.11
N SER A 33 3.44 -41.78 -4.63
CA SER A 33 4.72 -42.45 -4.87
C SER A 33 4.47 -43.90 -5.29
N LEU A 34 5.45 -44.46 -6.00
CA LEU A 34 5.35 -45.82 -6.49
C LEU A 34 6.70 -46.51 -6.35
N VAL A 35 6.67 -47.77 -5.88
CA VAL A 35 7.83 -48.65 -5.69
C VAL A 35 8.99 -47.89 -5.04
N GLY A 36 8.68 -46.87 -4.25
CA GLY A 36 9.71 -46.13 -3.55
C GLY A 36 9.91 -44.71 -4.06
N ILE A 37 9.77 -44.51 -5.36
CA ILE A 37 9.97 -43.20 -5.98
C ILE A 37 8.61 -42.55 -6.18
N GLU A 38 8.62 -41.22 -6.20
CA GLU A 38 7.40 -40.44 -6.40
C GLU A 38 7.35 -39.94 -7.84
N LEU A 39 6.14 -39.83 -8.37
CA LEU A 39 5.91 -39.32 -9.71
C LEU A 39 5.23 -37.96 -9.73
N LEU A 40 4.61 -37.54 -8.62
CA LEU A 40 3.98 -36.23 -8.55
C LEU A 40 3.87 -35.82 -7.09
N ALA A 41 3.77 -34.52 -6.87
CA ALA A 41 3.64 -33.97 -5.52
C ALA A 41 3.07 -32.57 -5.63
N ILE A 42 1.91 -32.33 -5.03
CA ILE A 42 1.23 -31.04 -5.07
C ILE A 42 1.19 -30.50 -3.65
N GLU A 43 1.46 -29.21 -3.49
CA GLU A 43 1.39 -28.58 -2.18
C GLU A 43 1.08 -27.10 -2.35
N ALA A 44 0.23 -26.58 -1.47
CA ALA A 44 -0.16 -25.18 -1.52
C ALA A 44 -0.78 -24.81 -0.18
N ARG A 45 -0.91 -23.50 0.04
CA ARG A 45 -1.56 -23.00 1.24
C ARG A 45 -2.16 -21.64 0.97
N ILE A 46 -3.14 -21.28 1.79
CA ILE A 46 -3.84 -20.00 1.71
C ILE A 46 -3.72 -19.32 3.07
N VAL A 47 -3.34 -18.04 3.04
CA VAL A 47 -3.07 -17.27 4.25
C VAL A 47 -3.90 -15.99 4.23
N ILE A 48 -4.59 -15.72 5.35
CA ILE A 48 -5.27 -14.45 5.59
C ILE A 48 -5.03 -14.07 7.05
N ALA A 49 -4.13 -13.13 7.29
CA ALA A 49 -3.77 -12.76 8.65
C ALA A 49 -3.31 -11.31 8.67
N SER A 50 -2.89 -10.86 9.83
CA SER A 50 -2.38 -9.50 10.01
C SER A 50 -1.03 -9.34 9.33
N VAL A 51 -0.71 -8.11 8.95
CA VAL A 51 0.51 -7.84 8.22
C VAL A 51 1.75 -8.09 9.07
N GLU A 52 1.61 -8.02 10.40
CA GLU A 52 2.76 -8.17 11.28
C GLU A 52 3.36 -9.57 11.20
N THR A 53 2.51 -10.60 11.11
CA THR A 53 3.00 -11.97 11.09
C THR A 53 3.59 -12.37 9.74
N TYR A 54 3.27 -11.63 8.68
CA TYR A 54 3.83 -11.97 7.37
C TYR A 54 5.31 -11.59 7.26
N LEU A 55 5.72 -10.52 7.94
CA LEU A 55 7.16 -10.23 8.02
C LEU A 55 7.90 -11.37 8.69
N LYS A 56 7.34 -11.88 9.78
CA LYS A 56 7.92 -13.01 10.50
C LYS A 56 7.93 -14.29 9.65
N TYR A 57 6.86 -14.55 8.90
CA TYR A 57 6.89 -15.66 7.95
C TYR A 57 8.00 -15.48 6.91
N ALA A 58 8.11 -14.29 6.35
CA ALA A 58 9.09 -14.06 5.28
C ALA A 58 10.52 -14.16 5.80
N GLU A 59 10.78 -13.67 7.01
CA GLU A 59 12.12 -13.81 7.58
C GLU A 59 12.40 -15.25 7.99
N ALA A 60 11.36 -16.00 8.37
CA ALA A 60 11.54 -17.43 8.60
C ALA A 60 11.94 -18.15 7.31
N VAL A 61 11.30 -17.78 6.20
CA VAL A 61 11.68 -18.34 4.90
C VAL A 61 12.77 -17.55 4.21
N GLY A 62 13.17 -16.40 4.76
CA GLY A 62 14.34 -15.68 4.29
C GLY A 62 14.09 -14.47 3.42
N LEU A 63 12.83 -14.12 3.15
CA LEU A 63 12.56 -12.96 2.31
C LEU A 63 12.94 -11.67 3.03
N THR A 64 12.54 -11.52 4.29
CA THR A 64 12.91 -10.34 5.05
C THR A 64 14.39 -10.38 5.41
N GLN A 65 14.99 -9.19 5.53
CA GLN A 65 16.40 -9.10 5.89
C GLN A 65 16.64 -9.73 7.25
N SER A 66 17.66 -10.57 7.33
CA SER A 66 17.98 -11.28 8.57
C SER A 66 19.45 -11.68 8.59
N ALA B 2 -19.60 17.66 18.49
CA ALA B 2 -19.36 16.29 18.90
C ALA B 2 -20.38 15.84 19.94
N VAL B 3 -21.25 14.92 19.55
CA VAL B 3 -22.30 14.39 20.41
C VAL B 3 -22.13 12.88 20.50
N GLU B 4 -22.08 12.36 21.73
CA GLU B 4 -21.94 10.92 21.93
C GLU B 4 -23.18 10.19 21.42
N LYS B 5 -22.95 9.00 20.87
CA LYS B 5 -24.02 8.18 20.32
C LYS B 5 -24.07 6.85 21.05
N THR B 6 -25.29 6.33 21.23
CA THR B 6 -25.47 5.03 21.88
C THR B 6 -25.05 3.87 20.99
N ASN B 7 -24.86 4.10 19.68
CA ASN B 7 -24.49 3.06 18.74
C ASN B 7 -23.19 3.44 18.04
N SER B 8 -22.42 2.42 17.68
CA SER B 8 -21.13 2.62 17.04
C SER B 8 -21.24 2.78 15.53
N SER B 9 -22.45 2.73 14.98
CA SER B 9 -22.62 2.89 13.54
C SER B 9 -22.23 4.30 13.10
N SER B 10 -21.53 4.38 11.97
CA SER B 10 -21.07 5.66 11.44
C SER B 10 -21.03 5.54 9.92
N SER B 11 -20.36 6.51 9.27
CA SER B 11 -20.25 6.52 7.83
C SER B 11 -19.21 5.52 7.36
N LEU B 12 -18.97 5.50 6.05
CA LEU B 12 -18.01 4.56 5.47
C LEU B 12 -16.56 5.02 5.59
N ALA B 13 -16.33 6.29 5.95
CA ALA B 13 -14.97 6.78 6.06
C ALA B 13 -14.19 6.03 7.14
N GLU B 14 -14.79 5.84 8.30
CA GLU B 14 -14.12 5.10 9.37
C GLU B 14 -13.92 3.64 9.01
N VAL B 15 -14.88 3.03 8.29
CA VAL B 15 -14.72 1.66 7.85
C VAL B 15 -13.52 1.55 6.89
N ILE B 16 -13.43 2.48 5.95
CA ILE B 16 -12.30 2.48 5.01
C ILE B 16 -10.99 2.67 5.76
N ASP B 17 -10.96 3.59 6.73
CA ASP B 17 -9.73 3.84 7.47
C ASP B 17 -9.29 2.61 8.26
N ARG B 18 -10.23 1.96 8.97
CA ARG B 18 -9.87 0.78 9.75
C ARG B 18 -9.55 -0.41 8.85
N ILE B 19 -10.08 -0.45 7.64
CA ILE B 19 -9.69 -1.49 6.69
C ILE B 19 -8.26 -1.26 6.21
N LEU B 20 -7.93 -0.01 5.87
CA LEU B 20 -6.65 0.29 5.25
C LEU B 20 -5.50 0.24 6.25
N ASP B 21 -5.73 0.71 7.49
CA ASP B 21 -4.62 0.83 8.43
C ASP B 21 -4.06 -0.54 8.80
N LYS B 22 -4.92 -1.54 9.01
CA LYS B 22 -4.47 -2.86 9.42
C LYS B 22 -3.85 -3.65 8.28
N GLY B 23 -4.13 -3.27 7.03
CA GLY B 23 -3.48 -3.91 5.90
C GLY B 23 -4.08 -5.23 5.48
N ILE B 24 -4.15 -5.46 4.18
CA ILE B 24 -4.70 -6.69 3.61
C ILE B 24 -3.72 -7.22 2.57
N VAL B 25 -3.42 -8.51 2.63
CA VAL B 25 -2.58 -9.16 1.64
C VAL B 25 -2.98 -10.63 1.55
N ILE B 26 -3.15 -11.11 0.32
CA ILE B 26 -3.53 -12.50 0.06
C ILE B 26 -2.54 -13.09 -0.93
N ASP B 27 -1.94 -14.22 -0.58
CA ASP B 27 -0.95 -14.91 -1.40
C ASP B 27 -1.52 -16.23 -1.89
N ALA B 28 -1.43 -16.46 -3.20
CA ALA B 28 -1.90 -17.70 -3.81
C ALA B 28 -0.83 -18.24 -4.74
N TRP B 29 -0.48 -19.52 -4.57
CA TRP B 29 0.54 -20.13 -5.39
C TRP B 29 0.30 -21.62 -5.46
N VAL B 30 0.68 -22.20 -6.60
CA VAL B 30 0.55 -23.63 -6.86
C VAL B 30 1.83 -24.13 -7.52
N ARG B 31 2.33 -25.27 -7.04
CA ARG B 31 3.53 -25.89 -7.58
C ARG B 31 3.23 -27.32 -7.96
N VAL B 32 3.61 -27.70 -9.18
CA VAL B 32 3.43 -29.06 -9.69
C VAL B 32 4.79 -29.62 -10.09
N SER B 33 5.13 -30.79 -9.56
CA SER B 33 6.42 -31.41 -9.81
C SER B 33 6.22 -32.88 -10.16
N LEU B 34 7.19 -33.44 -10.88
CA LEU B 34 7.13 -34.83 -11.30
C LEU B 34 8.51 -35.45 -11.18
N VAL B 35 8.54 -36.69 -10.66
CA VAL B 35 9.74 -37.52 -10.46
C VAL B 35 10.89 -36.69 -9.88
N GLY B 36 10.57 -35.65 -9.13
CA GLY B 36 11.58 -34.84 -8.49
C GLY B 36 11.72 -33.44 -9.07
N ILE B 37 11.53 -33.30 -10.37
CA ILE B 37 11.65 -32.03 -11.06
C ILE B 37 10.27 -31.42 -11.24
N GLU B 38 10.22 -30.09 -11.31
CA GLU B 38 8.97 -29.38 -11.52
C GLU B 38 8.86 -28.94 -12.97
N LEU B 39 7.62 -28.90 -13.47
CA LEU B 39 7.34 -28.45 -14.83
C LEU B 39 6.60 -27.13 -14.88
N LEU B 40 6.01 -26.69 -13.78
CA LEU B 40 5.32 -25.40 -13.74
C LEU B 40 5.25 -24.93 -12.29
N ALA B 41 5.10 -23.62 -12.12
CA ALA B 41 4.98 -23.02 -10.80
C ALA B 41 4.36 -21.64 -10.96
N ILE B 42 3.21 -21.42 -10.32
CA ILE B 42 2.49 -20.16 -10.39
C ILE B 42 2.46 -19.56 -8.99
N GLU B 43 2.68 -18.25 -8.90
CA GLU B 43 2.64 -17.57 -7.62
C GLU B 43 2.26 -16.12 -7.83
N ALA B 44 1.41 -15.59 -6.96
CA ALA B 44 0.97 -14.21 -7.06
C ALA B 44 0.39 -13.80 -5.72
N ARG B 45 0.20 -12.49 -5.55
CA ARG B 45 -0.42 -11.97 -4.35
C ARG B 45 -1.09 -10.63 -4.66
N ILE B 46 -2.06 -10.29 -3.82
CA ILE B 46 -2.80 -9.03 -3.94
C ILE B 46 -2.66 -8.28 -2.61
N VAL B 47 -2.35 -6.99 -2.70
CA VAL B 47 -2.07 -6.16 -1.54
C VAL B 47 -2.95 -4.92 -1.59
N ILE B 48 -3.61 -4.63 -0.47
CA ILE B 48 -4.34 -3.38 -0.26
C ILE B 48 -4.07 -2.92 1.17
N ALA B 49 -3.20 -1.93 1.34
CA ALA B 49 -2.81 -1.49 2.67
C ALA B 49 -2.41 -0.02 2.61
N SER B 50 -1.97 0.50 3.75
CA SER B 50 -1.51 1.88 3.84
C SER B 50 -0.18 2.05 3.12
N VAL B 51 0.07 3.28 2.67
CA VAL B 51 1.27 3.57 1.89
C VAL B 51 2.53 3.39 2.72
N GLU B 52 2.43 3.51 4.05
CA GLU B 52 3.62 3.45 4.89
C GLU B 52 4.26 2.08 4.85
N THR B 53 3.45 1.01 4.84
CA THR B 53 3.99 -0.34 4.86
C THR B 53 4.56 -0.78 3.52
N TYR B 54 4.18 -0.10 2.43
CA TYR B 54 4.71 -0.48 1.12
C TYR B 54 6.16 -0.05 0.94
N LEU B 55 6.57 1.06 1.57
CA LEU B 55 7.99 1.42 1.59
C LEU B 55 8.80 0.33 2.28
N LYS B 56 8.29 -0.14 3.42
CA LYS B 56 8.93 -1.22 4.16
C LYS B 56 8.97 -2.52 3.37
N TYR B 57 7.89 -2.87 2.66
CA TYR B 57 7.93 -4.01 1.76
C TYR B 57 9.00 -3.85 0.69
N ALA B 58 9.05 -2.67 0.06
CA ALA B 58 9.98 -2.45 -1.04
C ALA B 58 11.43 -2.48 -0.58
N GLU B 59 11.71 -1.93 0.61
CA GLU B 59 13.07 -2.00 1.14
C GLU B 59 13.41 -3.40 1.61
N ALA B 60 12.42 -4.17 2.05
CA ALA B 60 12.67 -5.58 2.34
C ALA B 60 13.04 -6.34 1.08
N VAL B 61 12.37 -6.05 -0.04
CA VAL B 61 12.72 -6.65 -1.32
C VAL B 61 13.77 -5.85 -2.08
N GLY B 62 14.14 -4.66 -1.59
CA GLY B 62 15.27 -3.93 -2.14
C GLY B 62 14.94 -2.76 -3.04
N LEU B 63 13.66 -2.47 -3.29
CA LEU B 63 13.31 -1.36 -4.17
C LEU B 63 13.67 -0.02 -3.53
N THR B 64 13.30 0.16 -2.26
CA THR B 64 13.64 1.40 -1.56
C THR B 64 15.13 1.43 -1.25
N GLN B 65 15.69 2.64 -1.21
CA GLN B 65 17.11 2.80 -0.88
C GLN B 65 17.41 2.24 0.49
N SER B 66 18.46 1.43 0.58
CA SER B 66 18.85 0.80 1.83
C SER B 66 20.33 0.46 1.83
N ALA C 2 -19.05 40.14 6.36
CA ALA C 2 -18.75 38.78 6.81
C ALA C 2 -19.75 38.34 7.89
N VAL C 3 -20.60 37.38 7.55
CA VAL C 3 -21.61 36.85 8.45
C VAL C 3 -21.39 35.36 8.59
N GLU C 4 -21.31 34.89 9.83
CA GLU C 4 -21.12 33.47 10.08
C GLU C 4 -22.35 32.68 9.63
N LYS C 5 -22.10 31.48 9.11
CA LYS C 5 -23.15 30.61 8.61
C LYS C 5 -23.15 29.29 9.39
N THR C 6 -24.34 28.75 9.61
CA THR C 6 -24.47 27.47 10.31
C THR C 6 -24.03 26.29 9.46
N ASN C 7 -23.88 26.48 8.15
CA ASN C 7 -23.49 25.42 7.23
C ASN C 7 -22.22 25.80 6.49
N SER C 8 -21.42 24.80 6.15
CA SER C 8 -20.15 25.00 5.48
C SER C 8 -20.29 25.12 3.96
N SER C 9 -21.52 25.01 3.43
CA SER C 9 -21.73 25.12 2.00
C SER C 9 -21.38 26.51 1.51
N SER C 10 -20.71 26.58 0.36
CA SER C 10 -20.29 27.84 -0.24
C SER C 10 -20.28 27.68 -1.75
N SER C 11 -19.65 28.63 -2.44
CA SER C 11 -19.57 28.61 -3.89
C SER C 11 -18.50 27.61 -4.33
N LEU C 12 -18.29 27.55 -5.65
CA LEU C 12 -17.32 26.62 -6.22
C LEU C 12 -15.88 27.13 -6.14
N ALA C 13 -15.69 28.41 -5.83
CA ALA C 13 -14.33 28.95 -5.76
C ALA C 13 -13.50 28.26 -4.69
N GLU C 14 -14.09 28.09 -3.49
CA GLU C 14 -13.38 27.42 -2.42
C GLU C 14 -13.13 25.95 -2.73
N VAL C 15 -14.09 25.29 -3.40
CA VAL C 15 -13.89 23.91 -3.81
C VAL C 15 -12.72 23.79 -4.78
N ILE C 16 -12.66 24.69 -5.76
CA ILE C 16 -11.56 24.69 -6.71
C ILE C 16 -10.23 24.95 -6.00
N ASP C 17 -10.22 25.90 -5.06
CA ASP C 17 -8.98 26.22 -4.36
C ASP C 17 -8.49 25.03 -3.53
N ARG C 18 -9.39 24.39 -2.79
CA ARG C 18 -8.99 23.24 -1.97
C ARG C 18 -8.64 22.02 -2.82
N ILE C 19 -9.20 21.93 -4.03
CA ILE C 19 -8.79 20.87 -4.94
C ILE C 19 -7.38 21.13 -5.47
N LEU C 20 -7.10 22.37 -5.85
CA LEU C 20 -5.84 22.67 -6.51
C LEU C 20 -4.67 22.71 -5.53
N ASP C 21 -4.89 23.21 -4.31
CA ASP C 21 -3.76 23.39 -3.39
C ASP C 21 -3.15 22.06 -2.98
N LYS C 22 -3.99 21.05 -2.72
CA LYS C 22 -3.48 19.76 -2.27
C LYS C 22 -2.86 18.94 -3.40
N GLY C 23 -3.17 19.26 -4.65
CA GLY C 23 -2.53 18.60 -5.77
C GLY C 23 -3.10 17.25 -6.13
N ILE C 24 -3.20 16.97 -7.43
CA ILE C 24 -3.71 15.70 -7.94
C ILE C 24 -2.74 15.17 -8.98
N VAL C 25 -2.40 13.89 -8.87
CA VAL C 25 -1.56 13.23 -9.86
C VAL C 25 -1.92 11.75 -9.90
N ILE C 26 -2.09 11.22 -11.10
CA ILE C 26 -2.43 9.82 -11.31
C ILE C 26 -1.44 9.22 -12.30
N ASP C 27 -0.81 8.11 -11.91
CA ASP C 27 0.19 7.43 -12.73
C ASP C 27 -0.35 6.07 -13.16
N ALA C 28 -0.29 5.80 -14.46
CA ALA C 28 -0.72 4.52 -15.02
C ALA C 28 0.35 3.99 -15.94
N TRP C 29 0.73 2.73 -15.75
CA TRP C 29 1.76 2.11 -16.56
C TRP C 29 1.57 0.61 -16.57
N VAL C 30 1.94 0.00 -17.70
CA VAL C 30 1.85 -1.44 -17.89
C VAL C 30 3.12 -1.93 -18.57
N ARG C 31 3.67 -3.03 -18.06
CA ARG C 31 4.88 -3.63 -18.60
C ARG C 31 4.61 -5.09 -18.93
N VAL C 32 4.99 -5.50 -20.13
CA VAL C 32 4.83 -6.88 -20.59
C VAL C 32 6.21 -7.41 -20.99
N SER C 33 6.58 -8.55 -20.43
CA SER C 33 7.88 -9.14 -20.69
C SER C 33 7.72 -10.63 -20.99
N LEU C 34 8.70 -11.19 -21.69
CA LEU C 34 8.67 -12.59 -22.08
C LEU C 34 10.08 -13.17 -21.95
N VAL C 35 10.15 -14.39 -21.39
CA VAL C 35 11.37 -15.17 -21.19
C VAL C 35 12.52 -14.30 -20.66
N GLY C 36 12.17 -13.23 -19.95
CA GLY C 36 13.18 -12.37 -19.36
C GLY C 36 13.26 -10.99 -19.98
N ILE C 37 13.03 -10.91 -21.29
CA ILE C 37 13.12 -9.64 -22.02
C ILE C 37 11.71 -9.09 -22.19
N GLU C 38 11.62 -7.77 -22.32
CA GLU C 38 10.35 -7.10 -22.52
C GLU C 38 10.19 -6.72 -23.99
N LEU C 39 8.94 -6.74 -24.46
CA LEU C 39 8.63 -6.34 -25.82
C LEU C 39 7.84 -5.05 -25.91
N LEU C 40 7.26 -4.58 -24.81
CA LEU C 40 6.54 -3.32 -24.80
C LEU C 40 6.48 -2.80 -23.37
N ALA C 41 6.28 -1.49 -23.25
CA ALA C 41 6.19 -0.85 -21.94
C ALA C 41 5.51 0.51 -22.14
N ILE C 42 4.37 0.72 -21.49
CA ILE C 42 3.62 1.96 -21.59
C ILE C 42 3.59 2.60 -20.22
N GLU C 43 3.78 3.92 -20.18
CA GLU C 43 3.74 4.64 -18.92
C GLU C 43 3.31 6.08 -19.19
N ALA C 44 2.46 6.61 -18.31
CA ALA C 44 1.98 7.98 -18.45
C ALA C 44 1.41 8.42 -17.11
N ARG C 45 1.19 9.73 -16.99
CA ARG C 45 0.57 10.27 -15.79
C ARG C 45 -0.14 11.57 -16.14
N ILE C 46 -1.11 11.93 -15.30
CA ILE C 46 -1.88 13.15 -15.44
C ILE C 46 -1.76 13.95 -14.14
N VAL C 47 -1.47 15.24 -14.29
CA VAL C 47 -1.19 16.13 -13.16
C VAL C 47 -2.12 17.34 -13.23
N ILE C 48 -2.76 17.66 -12.11
CA ILE C 48 -3.52 18.89 -11.93
C ILE C 48 -3.24 19.40 -10.52
N ALA C 49 -2.40 20.43 -10.41
CA ALA C 49 -1.99 20.93 -9.11
C ALA C 49 -1.64 22.40 -9.22
N SER C 50 -1.20 22.97 -8.11
CA SER C 50 -0.78 24.37 -8.08
C SER C 50 0.53 24.55 -8.84
N VAL C 51 0.74 25.77 -9.33
CA VAL C 51 1.91 26.06 -10.15
C VAL C 51 3.20 25.96 -9.33
N GLU C 52 3.12 26.13 -8.02
CA GLU C 52 4.32 26.13 -7.18
C GLU C 52 5.00 24.77 -7.19
N THR C 53 4.23 23.68 -7.14
CA THR C 53 4.81 22.35 -7.09
C THR C 53 5.36 21.88 -8.43
N TYR C 54 4.95 22.51 -9.54
CA TYR C 54 5.46 22.10 -10.84
C TYR C 54 6.89 22.56 -11.06
N LEU C 55 7.28 23.71 -10.49
CA LEU C 55 8.69 24.11 -10.50
C LEU C 55 9.54 23.08 -9.79
N LYS C 56 9.07 22.63 -8.63
CA LYS C 56 9.76 21.59 -7.86
C LYS C 56 9.82 20.26 -8.60
N TYR C 57 8.73 19.86 -9.27
CA TYR C 57 8.79 18.69 -10.15
C TYR C 57 9.84 18.85 -11.24
N ALA C 58 9.84 20.00 -11.91
CA ALA C 58 10.74 20.21 -13.04
C ALA C 58 12.20 20.23 -12.60
N GLU C 59 12.49 20.84 -11.44
CA GLU C 59 13.85 20.83 -10.94
C GLU C 59 14.25 19.46 -10.42
N ALA C 60 13.30 18.67 -9.94
CA ALA C 60 13.59 17.28 -9.60
C ALA C 60 13.97 16.49 -10.85
N VAL C 61 13.26 16.72 -11.95
CA VAL C 61 13.61 16.08 -13.21
C VAL C 61 14.61 16.89 -14.03
N GLY C 62 14.95 18.09 -13.59
CA GLY C 62 16.04 18.85 -14.18
C GLY C 62 15.67 19.97 -15.12
N LEU C 63 14.38 20.21 -15.36
CA LEU C 63 13.99 21.28 -16.26
C LEU C 63 14.31 22.66 -15.68
N THR C 64 13.96 22.88 -14.41
CA THR C 64 14.28 24.14 -13.76
C THR C 64 15.78 24.23 -13.49
N GLN C 65 16.30 25.46 -13.50
CA GLN C 65 17.71 25.67 -13.21
C GLN C 65 18.05 25.17 -11.82
N SER C 66 19.13 24.40 -11.73
CA SER C 66 19.57 23.82 -10.46
C SER C 66 21.06 23.52 -10.48
N UNK D 1 12.54 -14.65 19.44
CA UNK D 1 11.67 -14.48 18.28
C UNK D 1 10.84 -13.21 18.40
N UNK D 2 11.21 -12.36 19.35
CA UNK D 2 10.57 -11.06 19.53
C UNK D 2 11.53 -9.89 19.36
N UNK D 3 12.82 -10.09 19.60
CA UNK D 3 13.81 -9.06 19.31
C UNK D 3 13.85 -8.75 17.83
N UNK D 4 13.41 -9.69 17.00
CA UNK D 4 13.28 -9.45 15.57
C UNK D 4 12.30 -8.32 15.27
N UNK D 5 11.16 -8.29 15.96
CA UNK D 5 10.19 -7.23 15.73
C UNK D 5 10.71 -5.90 16.25
N UNK D 6 11.46 -5.94 17.36
CA UNK D 6 12.07 -4.73 17.88
C UNK D 6 13.09 -4.17 16.89
N UNK D 7 13.88 -5.04 16.27
CA UNK D 7 14.83 -4.60 15.25
C UNK D 7 14.10 -4.04 14.03
N UNK D 8 12.98 -4.66 13.65
CA UNK D 8 12.19 -4.14 12.55
C UNK D 8 11.69 -2.73 12.85
N UNK D 9 11.17 -2.53 14.06
CA UNK D 9 10.76 -1.19 14.48
C UNK D 9 11.94 -0.23 14.49
N UNK D 10 13.11 -0.70 14.91
CA UNK D 10 14.30 0.14 14.94
C UNK D 10 14.65 0.64 13.54
N UNK D 11 14.70 -0.25 12.56
CA UNK D 11 15.11 0.22 11.24
C UNK D 11 14.00 0.97 10.52
N UNK D 12 12.72 0.71 10.81
CA UNK D 12 11.69 1.56 10.23
C UNK D 12 11.72 2.94 10.85
N UNK D 13 12.06 3.04 12.14
CA UNK D 13 12.28 4.35 12.75
C UNK D 13 13.49 5.04 12.13
N UNK D 14 14.52 4.27 11.79
CA UNK D 14 15.68 4.85 11.09
C UNK D 14 15.26 5.39 9.73
N UNK D 15 14.40 4.67 9.01
CA UNK D 15 13.89 5.16 7.74
C UNK D 15 13.05 6.43 7.94
N UNK D 16 12.29 6.48 9.03
CA UNK D 16 11.54 7.69 9.33
C UNK D 16 12.47 8.87 9.63
N UNK D 17 13.59 8.59 10.31
CA UNK D 17 14.59 9.62 10.54
C UNK D 17 15.19 10.10 9.23
N UNK D 18 15.45 9.18 8.30
CA UNK D 18 15.90 9.57 6.98
C UNK D 18 14.85 10.41 6.26
N UNK D 19 13.57 10.08 6.43
CA UNK D 19 12.50 10.85 5.83
C UNK D 19 12.47 12.27 6.38
N UNK D 20 12.61 12.44 7.69
CA UNK D 20 12.64 13.79 8.25
C UNK D 20 13.90 14.53 7.84
N UNK D 21 15.03 13.83 7.68
CA UNK D 21 16.25 14.48 7.19
C UNK D 21 16.07 14.97 5.76
N UNK D 22 15.45 14.17 4.90
CA UNK D 22 15.22 14.64 3.53
C UNK D 22 14.16 15.74 3.50
N UNK D 23 13.20 15.72 4.42
CA UNK D 23 12.23 16.81 4.49
C UNK D 23 12.90 18.13 4.88
N UNK D 24 13.78 18.10 5.88
CA UNK D 24 14.47 19.33 6.27
C UNK D 24 15.46 19.78 5.20
N UNK D 25 16.11 18.84 4.51
CA UNK D 25 16.99 19.24 3.42
C UNK D 25 16.21 19.82 2.25
N UNK D 26 14.97 19.35 2.04
CA UNK D 26 14.10 19.96 1.04
C UNK D 26 13.71 21.37 1.44
N UNK D 27 13.34 21.56 2.72
CA UNK D 27 13.08 22.89 3.23
C UNK D 27 14.30 23.80 3.08
N UNK D 28 15.50 23.23 3.11
CA UNK D 28 16.71 24.03 2.91
C UNK D 28 16.70 24.74 1.56
N UNK D 29 16.45 24.00 0.47
CA UNK D 29 16.37 24.67 -0.82
C UNK D 29 15.06 25.43 -1.00
N UNK D 30 14.03 25.08 -0.22
CA UNK D 30 12.81 25.87 -0.22
C UNK D 30 13.09 27.29 0.26
N UNK D 31 13.92 27.41 1.31
CA UNK D 31 14.33 28.73 1.78
C UNK D 31 15.35 29.38 0.86
N UNK D 32 16.04 28.60 0.03
CA UNK D 32 17.08 29.13 -0.85
C UNK D 32 16.53 29.94 -2.00
N UNK D 33 15.21 29.91 -2.23
CA UNK D 33 14.61 30.63 -3.35
C UNK D 33 14.59 32.13 -3.09
N ALA E 2 -19.21 29.03 12.76
CA ALA E 2 -18.93 27.67 13.21
C ALA E 2 -19.92 27.22 14.28
N VAL E 3 -20.77 26.26 13.93
CA VAL E 3 -21.78 25.73 14.84
C VAL E 3 -21.57 24.23 14.96
N GLU E 4 -21.48 23.74 16.19
CA GLU E 4 -21.31 22.32 16.44
C GLU E 4 -22.53 21.55 15.97
N LYS E 5 -22.29 20.34 15.44
CA LYS E 5 -23.35 19.48 14.93
C LYS E 5 -23.35 18.17 15.71
N THR E 6 -24.54 17.62 15.93
CA THR E 6 -24.68 16.34 16.61
C THR E 6 -24.24 15.16 15.73
N ASN E 7 -24.10 15.37 14.43
CA ASN E 7 -23.72 14.32 13.50
C ASN E 7 -22.45 14.71 12.76
N SER E 8 -21.65 13.69 12.41
CA SER E 8 -20.39 13.90 11.73
C SER E 8 -20.54 14.04 10.22
N SER E 9 -21.76 13.93 9.69
CA SER E 9 -21.97 14.06 8.26
C SER E 9 -21.62 15.46 7.78
N SER E 10 -20.95 15.54 6.63
CA SER E 10 -20.54 16.81 6.05
C SER E 10 -20.53 16.65 4.53
N SER E 11 -19.90 17.61 3.86
CA SER E 11 -19.83 17.61 2.41
C SER E 11 -18.76 16.60 1.94
N LEU E 12 -18.56 16.55 0.62
CA LEU E 12 -17.60 15.64 0.04
C LEU E 12 -16.17 16.13 0.12
N ALA E 13 -15.95 17.41 0.44
CA ALA E 13 -14.60 17.95 0.50
C ALA E 13 -13.76 17.25 1.57
N GLU E 14 -14.34 17.06 2.76
CA GLU E 14 -13.63 16.37 3.83
C GLU E 14 -13.40 14.90 3.50
N VAL E 15 -14.36 14.26 2.83
CA VAL E 15 -14.17 12.88 2.41
C VAL E 15 -13.00 12.77 1.43
N ILE E 16 -12.94 13.68 0.46
CA ILE E 16 -11.84 13.69 -0.50
C ILE E 16 -10.52 13.93 0.21
N ASP E 17 -10.49 14.87 1.15
CA ASP E 17 -9.26 15.18 1.86
C ASP E 17 -8.77 13.99 2.67
N ARG E 18 -9.67 13.33 3.41
CA ARG E 18 -9.26 12.17 4.22
C ARG E 18 -8.93 10.96 3.35
N ILE E 19 -9.49 10.88 2.15
CA ILE E 19 -9.09 9.83 1.23
C ILE E 19 -7.68 10.09 0.69
N LEU E 20 -7.39 11.33 0.32
CA LEU E 20 -6.13 11.65 -0.34
C LEU E 20 -4.96 11.65 0.63
N ASP E 21 -5.18 12.15 1.86
CA ASP E 21 -4.04 12.32 2.77
C ASP E 21 -3.44 10.98 3.17
N LYS E 22 -4.28 9.97 3.42
CA LYS E 22 -3.78 8.67 3.86
C LYS E 22 -3.16 7.87 2.72
N GLY E 23 -3.47 8.20 1.47
CA GLY E 23 -2.84 7.55 0.34
C GLY E 23 -3.42 6.20 -0.04
N ILE E 24 -3.52 5.93 -1.33
CA ILE E 24 -4.05 4.68 -1.86
C ILE E 24 -3.07 4.15 -2.90
N VAL E 25 -2.74 2.87 -2.82
CA VAL E 25 -1.91 2.21 -3.81
C VAL E 25 -2.27 0.73 -3.86
N ILE E 26 -2.46 0.22 -5.07
CA ILE E 26 -2.80 -1.18 -5.30
C ILE E 26 -1.81 -1.78 -6.29
N ASP E 27 -1.19 -2.88 -5.91
CA ASP E 27 -0.21 -3.56 -6.74
C ASP E 27 -0.75 -4.91 -7.19
N ALA E 28 -0.69 -5.17 -8.50
CA ALA E 28 -1.13 -6.44 -9.06
C ALA E 28 -0.06 -6.97 -10.00
N TRP E 29 0.31 -8.23 -9.81
CA TRP E 29 1.33 -8.84 -10.64
C TRP E 29 1.13 -10.35 -10.67
N VAL E 30 1.50 -10.95 -11.80
CA VAL E 30 1.40 -12.39 -12.01
C VAL E 30 2.67 -12.87 -12.70
N ARG E 31 3.21 -13.98 -12.21
CA ARG E 31 4.42 -14.58 -12.75
C ARG E 31 4.15 -16.04 -13.10
N VAL E 32 4.51 -16.44 -14.31
CA VAL E 32 4.35 -17.81 -14.78
C VAL E 32 5.71 -18.33 -15.20
N SER E 33 6.09 -19.49 -14.65
CA SER E 33 7.39 -20.09 -14.92
C SER E 33 7.21 -21.57 -15.23
N LEU E 34 8.19 -22.11 -15.94
CA LEU E 34 8.16 -23.52 -16.34
C LEU E 34 9.56 -24.11 -16.23
N VAL E 35 9.63 -25.33 -15.68
CA VAL E 35 10.86 -26.12 -15.49
C VAL E 35 12.00 -25.25 -14.96
N GLY E 36 11.66 -24.20 -14.24
CA GLY E 36 12.68 -23.34 -13.64
C GLY E 36 12.76 -21.96 -14.25
N ILE E 37 12.53 -21.87 -15.56
CA ILE E 37 12.61 -20.59 -16.27
C ILE E 37 11.21 -20.03 -16.45
N GLU E 38 11.13 -18.71 -16.55
CA GLU E 38 9.86 -18.03 -16.74
C GLU E 38 9.69 -17.63 -18.21
N LEU E 39 8.45 -17.64 -18.66
CA LEU E 39 8.13 -17.24 -20.02
C LEU E 39 7.35 -15.93 -20.09
N LEU E 40 6.77 -15.48 -18.98
CA LEU E 40 6.05 -14.21 -18.96
C LEU E 40 5.99 -13.71 -17.53
N ALA E 41 5.82 -12.39 -17.38
CA ALA E 41 5.72 -11.76 -16.07
C ALA E 41 5.05 -10.41 -16.26
N ILE E 42 3.92 -10.20 -15.60
CA ILE E 42 3.16 -8.96 -15.68
C ILE E 42 3.15 -8.32 -14.31
N GLU E 43 3.35 -7.01 -14.25
CA GLU E 43 3.31 -6.30 -12.99
C GLU E 43 2.90 -4.86 -13.23
N ALA E 44 2.05 -4.33 -12.34
CA ALA E 44 1.57 -2.96 -12.46
C ALA E 44 1.00 -2.53 -11.13
N ARG E 45 0.79 -1.22 -10.98
CA ARG E 45 0.17 -0.68 -9.78
C ARG E 45 -0.53 0.62 -10.11
N ILE E 46 -1.49 0.96 -9.26
CA ILE E 46 -2.27 2.19 -9.38
C ILE E 46 -2.12 2.98 -8.09
N VAL E 47 -1.84 4.28 -8.22
CA VAL E 47 -1.54 5.14 -7.08
C VAL E 47 -2.46 6.37 -7.14
N ILE E 48 -3.11 6.67 -6.01
CA ILE E 48 -3.85 7.91 -5.82
C ILE E 48 -3.57 8.40 -4.40
N ALA E 49 -2.73 9.42 -4.28
CA ALA E 49 -2.31 9.90 -2.97
C ALA E 49 -1.95 11.38 -3.08
N SER E 50 -1.49 11.94 -1.97
CA SER E 50 -1.07 13.33 -1.91
C SER E 50 0.23 13.51 -2.68
N VAL E 51 0.44 14.75 -3.16
CA VAL E 51 1.61 15.04 -3.98
C VAL E 51 2.90 14.92 -3.18
N GLU E 52 2.82 15.07 -1.84
CA GLU E 52 4.03 15.06 -1.03
C GLU E 52 4.71 13.69 -1.05
N THR E 53 3.93 12.61 -1.02
CA THR E 53 4.51 11.28 -0.97
C THR E 53 5.05 10.83 -2.32
N TYR E 54 4.64 11.46 -3.42
CA TYR E 54 5.14 11.06 -4.73
C TYR E 54 6.57 11.53 -4.95
N LEU E 55 6.96 12.67 -4.37
CA LEU E 55 8.37 13.05 -4.39
C LEU E 55 9.23 12.01 -3.68
N LYS E 56 8.77 11.55 -2.53
CA LYS E 56 9.45 10.51 -1.77
C LYS E 56 9.50 9.18 -2.53
N TYR E 57 8.41 8.79 -3.20
CA TYR E 57 8.46 7.63 -4.08
C TYR E 57 9.50 7.79 -5.18
N ALA E 58 9.51 8.96 -5.83
CA ALA E 58 10.41 9.17 -6.97
C ALA E 58 11.87 9.19 -6.54
N GLU E 59 12.16 9.79 -5.37
CA GLU E 59 13.53 9.76 -4.88
C GLU E 59 13.93 8.38 -4.38
N ALA E 60 12.96 7.60 -3.89
CA ALA E 60 13.25 6.20 -3.57
C ALA E 60 13.63 5.43 -4.83
N VAL E 61 12.91 5.66 -5.93
CA VAL E 61 13.25 5.03 -7.20
C VAL E 61 14.25 5.84 -8.01
N GLY E 62 14.61 7.05 -7.57
CA GLY E 62 15.70 7.80 -8.15
C GLY E 62 15.32 8.94 -9.08
N LEU E 63 14.03 9.18 -9.30
CA LEU E 63 13.64 10.27 -10.21
C LEU E 63 13.97 11.63 -9.59
N THR E 64 13.62 11.84 -8.33
CA THR E 64 13.96 13.09 -7.68
C THR E 64 15.45 13.17 -7.40
N GLN E 65 15.98 14.40 -7.39
CA GLN E 65 17.39 14.61 -7.11
C GLN E 65 17.75 14.09 -5.73
N SER E 66 18.83 13.32 -5.65
CA SER E 66 19.26 12.73 -4.39
C SER E 66 20.75 12.41 -4.42
#